data_9EQM
#
_entry.id   9EQM
#
_cell.length_a   73.670
_cell.length_b   60.770
_cell.length_c   101.260
_cell.angle_alpha   90.000
_cell.angle_beta   102.500
_cell.angle_gamma   90.000
#
_symmetry.space_group_name_H-M   'C 1 2 1'
#
loop_
_entity.id
_entity.type
_entity.pdbx_description
1 polymer Elongin-B
2 polymer Elongin-C
3 polymer 'von Hippel-Lindau disease tumor suppressor'
4 non-polymer (2S,4R)-1-[(2R)-2-[(1-fluoranylcyclopropyl)carbonylamino]-3-methyl-3-[[trans-4-(morpholin-4-ylmethyl)cyclohexyl]methylsulfanyl]butanoyl]-N-[[4-(4-methyl-1,3-thiazol-5-yl)phenyl]methyl]-4-oxidanyl-pyrrolidine-2-carboxamide
5 water water
#
loop_
_entity_poly.entity_id
_entity_poly.type
_entity_poly.pdbx_seq_one_letter_code
_entity_poly.pdbx_strand_id
1 'polypeptide(L)'
;MDVFLMIRRHKTTIFTDAKESSTVFELKRIVEGILKRPPDEQRLYKDDQLLDDGKTLGECGFTSQTARPQAPATVGLAFR
ADDTFEALCIEPFSSPPELPDVMK
;
A
2 'polypeptide(L)'
;MMYVKLISSDGHEFIVKREHALTSGTIKAMLSGPGQFAENETNEVNFREIPSHVLSKVCMYFTYKVRYTNSSTEIPEFPI
APEIALELLMAANFLDC
;
B
3 'polypeptide(L)'
;GSMEAGRPRPVLRSVNSREPSQVIFCNRSPRVVLPVWLNFDGEPQPYPTLPPGTGRRIHSYRGHLWLFRDAGTHDGLLVN
QTELFVPSLNVDGQPIFANITLPVYTLKERCLQVVRSLVKPENYRRLDIVRSLYEDLEDHPNVQKDLERLTQERIAHQRM
GD
;
C
#
# COMPACT_ATOMS: atom_id res chain seq x y z
N MET A 1 18.72 1.48 -7.38
CA MET A 1 17.28 1.68 -7.70
C MET A 1 16.54 0.33 -7.69
N ASP A 2 15.99 -0.02 -6.53
CA ASP A 2 15.32 -1.29 -6.37
C ASP A 2 14.11 -1.40 -7.30
N VAL A 3 13.99 -2.54 -7.97
CA VAL A 3 12.80 -2.89 -8.75
C VAL A 3 12.09 -4.03 -8.04
N PHE A 4 10.75 -4.02 -8.12
CA PHE A 4 9.92 -5.02 -7.45
C PHE A 4 9.15 -5.80 -8.50
N LEU A 5 9.21 -7.12 -8.41
CA LEU A 5 8.74 -7.98 -9.50
C LEU A 5 8.05 -9.21 -8.97
N MET A 6 7.30 -9.87 -9.85
CA MET A 6 6.71 -11.18 -9.61
C MET A 6 7.32 -12.17 -10.58
N ILE A 7 7.82 -13.28 -10.07
CA ILE A 7 8.36 -14.35 -10.90
C ILE A 7 7.36 -15.50 -10.87
N ARG A 8 6.82 -15.86 -12.03
CA ARG A 8 5.68 -16.76 -12.10
C ARG A 8 5.93 -17.91 -13.06
N ARG A 9 5.41 -19.08 -12.71
CA ARG A 9 5.52 -20.26 -13.56
C ARG A 9 4.43 -21.20 -13.14
N HIS A 10 3.60 -21.60 -14.10
CA HIS A 10 2.51 -22.46 -13.78
C HIS A 10 1.66 -21.77 -12.70
N LYS A 11 1.38 -22.43 -11.60
CA LYS A 11 0.59 -21.83 -10.54
C LYS A 11 1.44 -21.24 -9.42
N THR A 12 2.75 -21.14 -9.62
CA THR A 12 3.62 -20.55 -8.63
C THR A 12 3.93 -19.10 -8.90
N THR A 13 4.00 -18.27 -7.86
CA THR A 13 4.37 -16.88 -8.00
C THR A 13 5.29 -16.47 -6.85
N ILE A 14 6.36 -15.75 -7.18
CA ILE A 14 7.36 -15.32 -6.20
C ILE A 14 7.39 -13.80 -6.19
N PHE A 15 7.45 -13.23 -5.01
CA PHE A 15 7.49 -11.80 -4.86
C PHE A 15 8.80 -11.36 -4.28
N THR A 16 9.63 -10.73 -5.09
CA THR A 16 10.96 -10.31 -4.65
C THR A 16 11.44 -8.97 -5.16
N ASP A 17 12.38 -8.36 -4.45
CA ASP A 17 12.95 -7.09 -4.84
C ASP A 17 14.36 -7.26 -5.32
N ALA A 18 14.71 -6.61 -6.40
CA ALA A 18 16.03 -6.70 -6.99
C ALA A 18 16.52 -5.31 -7.37
N LYS A 19 17.80 -5.11 -7.56
CA LYS A 19 18.30 -3.82 -8.02
C LYS A 19 18.24 -3.70 -9.51
N GLU A 20 18.09 -2.48 -9.99
CA GLU A 20 18.07 -2.28 -11.43
C GLU A 20 19.43 -2.59 -12.05
N SER A 21 20.50 -2.49 -11.27
CA SER A 21 21.84 -2.79 -11.74
C SER A 21 22.16 -4.29 -11.72
N SER A 22 21.26 -5.12 -11.20
CA SER A 22 21.48 -6.56 -11.19
C SER A 22 21.12 -7.15 -12.55
N THR A 23 21.29 -8.46 -12.69
CA THR A 23 21.21 -9.15 -13.96
C THR A 23 20.19 -10.29 -13.91
N VAL A 24 19.96 -10.88 -15.08
CA VAL A 24 19.14 -12.09 -15.15
C VAL A 24 19.78 -13.20 -14.32
N PHE A 25 21.09 -13.40 -14.50
CA PHE A 25 21.78 -14.49 -13.80
C PHE A 25 21.66 -14.33 -12.29
N GLU A 26 21.92 -13.12 -11.78
CA GLU A 26 21.75 -12.89 -10.35
C GLU A 26 20.33 -13.20 -9.91
N LEU A 27 19.34 -12.88 -10.76
CA LEU A 27 17.95 -13.19 -10.42
C LEU A 27 17.68 -14.68 -10.54
N LYS A 28 18.28 -15.34 -11.54
CA LYS A 28 18.17 -16.79 -11.61
C LYS A 28 18.76 -17.45 -10.37
N ARG A 29 19.83 -16.87 -9.82
CA ARG A 29 20.37 -17.35 -8.56
C ARG A 29 19.34 -17.18 -7.44
N ILE A 30 18.65 -16.03 -7.42
CA ILE A 30 17.60 -15.83 -6.42
C ILE A 30 16.57 -16.94 -6.51
N VAL A 31 16.22 -17.35 -7.73
CA VAL A 31 15.26 -18.45 -7.89
C VAL A 31 15.81 -19.73 -7.27
N GLU A 32 17.11 -19.91 -7.35
CA GLU A 32 17.70 -21.14 -6.86
C GLU A 32 17.39 -21.36 -5.43
N GLY A 33 17.73 -20.40 -4.62
CA GLY A 33 17.57 -20.60 -3.20
C GLY A 33 16.14 -20.82 -2.86
N ILE A 34 15.26 -20.04 -3.45
CA ILE A 34 13.85 -20.26 -3.22
C ILE A 34 13.26 -21.52 -3.78
N LEU A 35 13.56 -21.85 -5.01
CA LEU A 35 12.90 -22.97 -5.64
C LEU A 35 13.74 -24.20 -5.88
N LYS A 36 14.97 -24.20 -5.43
CA LYS A 36 15.83 -25.37 -5.53
C LYS A 36 16.03 -25.92 -6.92
N ARG A 37 16.17 -25.05 -7.90
CA ARG A 37 16.53 -25.50 -9.23
C ARG A 37 17.71 -24.66 -9.65
N PRO A 38 18.67 -25.28 -10.33
CA PRO A 38 19.92 -24.56 -10.66
C PRO A 38 19.70 -23.56 -11.78
N PRO A 39 20.60 -22.57 -11.92
CA PRO A 39 20.44 -21.59 -12.99
C PRO A 39 20.46 -22.19 -14.38
N ASP A 40 21.21 -23.27 -14.59
CA ASP A 40 21.25 -23.89 -15.91
C ASP A 40 19.87 -24.34 -16.38
N GLU A 41 18.94 -24.56 -15.45
CA GLU A 41 17.63 -25.08 -15.78
C GLU A 41 16.54 -24.02 -15.75
N GLN A 42 16.91 -22.75 -15.66
CA GLN A 42 15.93 -21.70 -15.62
C GLN A 42 16.02 -20.76 -16.81
N ARG A 43 14.90 -20.43 -17.42
CA ARG A 43 14.86 -19.44 -18.48
C ARG A 43 13.93 -18.39 -17.95
N LEU A 44 14.36 -17.16 -17.98
CA LEU A 44 13.59 -16.10 -17.44
C LEU A 44 13.16 -15.23 -18.60
N TYR A 45 11.88 -14.87 -18.64
CA TYR A 45 11.34 -14.13 -19.77
C TYR A 45 10.65 -12.85 -19.42
N LYS A 46 10.68 -11.89 -20.33
CA LYS A 46 9.91 -10.69 -20.14
C LYS A 46 8.96 -10.88 -21.28
N ASP A 47 7.69 -10.93 -20.97
CA ASP A 47 6.72 -11.22 -21.99
C ASP A 47 7.14 -12.52 -22.62
N ASP A 48 7.20 -12.60 -23.93
CA ASP A 48 7.47 -13.90 -24.58
C ASP A 48 8.89 -14.08 -25.04
N GLN A 49 9.77 -13.17 -24.65
CA GLN A 49 11.16 -13.22 -25.08
C GLN A 49 12.16 -13.51 -23.98
N LEU A 50 13.09 -14.42 -24.23
CA LEU A 50 14.04 -14.80 -23.22
C LEU A 50 14.96 -13.68 -22.84
N LEU A 51 15.27 -13.59 -21.57
CA LEU A 51 16.17 -12.57 -21.10
C LEU A 51 17.53 -13.16 -20.99
N ASP A 52 18.48 -12.58 -21.69
CA ASP A 52 19.80 -13.13 -21.72
C ASP A 52 20.56 -12.93 -20.44
N ASP A 53 21.12 -14.00 -19.90
CA ASP A 53 21.95 -13.85 -18.72
C ASP A 53 22.96 -12.73 -18.94
N GLY A 54 23.13 -11.89 -17.92
CA GLY A 54 24.07 -10.79 -18.01
C GLY A 54 23.53 -9.53 -18.65
N LYS A 55 22.21 -9.37 -18.71
CA LYS A 55 21.57 -8.12 -19.09
C LYS A 55 20.95 -7.51 -17.84
N THR A 56 21.28 -6.26 -17.55
CA THR A 56 20.81 -5.66 -16.31
C THR A 56 19.30 -5.54 -16.33
N LEU A 57 18.68 -5.54 -15.16
CA LEU A 57 17.23 -5.53 -15.09
C LEU A 57 16.61 -4.36 -15.82
N GLY A 58 17.20 -3.19 -15.68
CA GLY A 58 16.71 -2.04 -16.43
C GLY A 58 16.79 -2.23 -17.94
N GLU A 59 17.85 -2.85 -18.41
CA GLU A 59 18.02 -3.11 -19.82
C GLU A 59 16.93 -4.00 -20.30
N CYS A 60 16.54 -4.93 -19.45
CA CYS A 60 15.53 -5.90 -19.82
C CYS A 60 14.20 -5.21 -19.86
N GLY A 61 14.17 -3.98 -19.39
CA GLY A 61 12.96 -3.22 -19.39
C GLY A 61 12.20 -3.20 -18.09
N PHE A 62 12.78 -3.77 -17.08
CA PHE A 62 12.15 -3.76 -15.81
C PHE A 62 12.52 -2.47 -15.16
N THR A 63 11.98 -1.38 -15.69
CA THR A 63 12.30 -0.06 -15.17
C THR A 63 11.69 0.12 -13.79
N SER A 64 12.30 1.04 -13.01
CA SER A 64 11.80 1.32 -11.68
C SER A 64 10.32 1.71 -11.71
N GLN A 65 9.89 2.45 -12.68
CA GLN A 65 8.51 2.84 -12.70
C GLN A 65 7.67 1.71 -13.16
N THR A 66 8.16 0.96 -14.10
CA THR A 66 7.42 -0.16 -14.62
C THR A 66 7.18 -1.24 -13.57
N ALA A 67 8.15 -1.49 -12.70
CA ALA A 67 8.00 -2.47 -11.64
C ALA A 67 7.91 -1.81 -10.35
N ARG A 68 6.72 -1.70 -9.82
CA ARG A 68 6.57 -0.98 -8.59
C ARG A 68 6.06 -1.89 -7.53
N PRO A 69 6.22 -1.46 -6.30
CA PRO A 69 5.80 -2.38 -5.29
C PRO A 69 4.30 -2.71 -5.35
N GLN A 70 3.44 -1.73 -5.52
CA GLN A 70 1.98 -1.92 -5.62
C GLN A 70 1.60 -2.69 -6.84
N ALA A 71 2.30 -2.46 -7.93
CA ALA A 71 2.02 -3.13 -9.17
C ALA A 71 3.29 -3.73 -9.72
N PRO A 72 3.63 -4.90 -9.22
CA PRO A 72 4.86 -5.55 -9.64
C PRO A 72 4.86 -6.07 -11.05
N ALA A 73 6.04 -6.19 -11.63
CA ALA A 73 6.17 -6.65 -12.99
C ALA A 73 6.41 -8.11 -13.01
N THR A 74 5.91 -8.76 -14.03
CA THR A 74 6.04 -10.16 -14.07
C THR A 74 7.26 -10.64 -14.81
N VAL A 75 8.08 -11.49 -14.19
CA VAL A 75 9.21 -12.09 -14.88
C VAL A 75 8.87 -13.53 -14.99
N GLY A 76 8.73 -14.02 -16.20
CA GLY A 76 8.31 -15.39 -16.41
C GLY A 76 9.36 -16.43 -16.12
N LEU A 77 8.94 -17.62 -15.73
CA LEU A 77 9.86 -18.74 -15.47
C LEU A 77 9.40 -20.05 -16.04
N ALA A 78 10.34 -20.80 -16.58
CA ALA A 78 10.03 -22.11 -17.07
C ALA A 78 11.20 -22.96 -16.69
N PHE A 79 10.97 -24.21 -16.32
CA PHE A 79 12.04 -25.02 -15.83
C PHE A 79 12.52 -26.01 -16.85
N ARG A 80 13.83 -26.21 -16.90
CA ARG A 80 14.38 -27.20 -17.79
C ARG A 80 14.55 -28.52 -17.07
N ALA A 81 13.70 -29.49 -17.37
CA ALA A 81 13.85 -30.79 -16.75
C ALA A 81 14.19 -31.82 -17.80
N ASP A 82 15.26 -32.56 -17.56
CA ASP A 82 15.61 -33.62 -18.47
C ASP A 82 15.83 -33.14 -19.89
N ASP A 83 15.11 -33.69 -20.86
CA ASP A 83 15.39 -33.37 -22.27
C ASP A 83 15.18 -31.94 -22.74
N THR A 84 14.01 -31.37 -22.47
CA THR A 84 13.72 -30.07 -23.02
C THR A 84 13.28 -29.02 -22.05
N PHE A 85 13.61 -27.78 -22.32
CA PHE A 85 13.09 -26.72 -21.51
C PHE A 85 11.63 -26.75 -21.79
N GLU A 86 10.82 -26.54 -20.77
CA GLU A 86 9.37 -26.49 -20.93
C GLU A 86 8.85 -25.21 -21.56
N ALA A 87 7.69 -25.27 -22.16
CA ALA A 87 7.07 -24.08 -22.71
C ALA A 87 6.62 -23.15 -21.60
N LEU A 88 6.68 -21.85 -21.83
CA LEU A 88 6.20 -20.91 -20.82
C LEU A 88 4.74 -21.04 -20.63
N CYS A 89 4.33 -21.26 -19.40
CA CYS A 89 2.91 -21.40 -19.07
C CYS A 89 2.69 -20.75 -17.70
N ILE A 90 2.12 -19.55 -17.71
CA ILE A 90 1.76 -18.85 -16.48
C ILE A 90 0.25 -18.89 -16.37
N GLU A 91 -0.24 -19.67 -15.41
CA GLU A 91 -1.68 -19.81 -15.24
C GLU A 91 -2.29 -18.50 -14.73
N PRO A 92 -3.46 -18.11 -15.23
CA PRO A 92 -4.05 -16.83 -14.82
C PRO A 92 -4.62 -16.91 -13.41
N PHE A 93 -4.73 -15.74 -12.79
CA PHE A 93 -5.40 -15.67 -11.50
C PHE A 93 -6.90 -15.82 -11.69
N SER A 94 -7.57 -16.20 -10.59
CA SER A 94 -9.01 -16.36 -10.61
C SER A 94 -9.69 -15.13 -11.18
N SER A 95 -10.84 -15.34 -11.81
CA SER A 95 -11.57 -14.18 -12.34
C SER A 95 -12.48 -13.59 -11.27
N PRO A 96 -12.55 -12.27 -11.15
CA PRO A 96 -13.36 -11.69 -10.06
C PRO A 96 -14.83 -11.83 -10.34
N PRO A 97 -15.67 -11.83 -9.31
CA PRO A 97 -17.12 -11.87 -9.53
C PRO A 97 -17.61 -10.62 -10.24
N GLU A 98 -18.87 -10.64 -10.65
CA GLU A 98 -19.46 -9.48 -11.26
C GLU A 98 -19.69 -8.47 -10.21
N LEU A 99 -19.48 -7.22 -10.53
CA LEU A 99 -19.58 -6.23 -9.51
C LEU A 99 -20.98 -6.24 -9.00
N PRO A 100 -21.11 -6.11 -7.70
CA PRO A 100 -22.46 -6.18 -7.23
C PRO A 100 -23.21 -4.95 -7.67
N ASP A 101 -24.53 -5.01 -7.70
CA ASP A 101 -25.34 -3.90 -8.18
C ASP A 101 -25.20 -2.62 -7.38
N VAL A 102 -25.12 -2.71 -6.08
CA VAL A 102 -25.06 -1.51 -5.33
C VAL A 102 -23.83 -0.75 -5.77
N MET A 103 -22.74 -1.44 -5.93
CA MET A 103 -21.53 -0.80 -6.39
C MET A 103 -21.68 -0.31 -7.80
N LYS A 104 -22.36 -1.07 -8.64
CA LYS A 104 -22.47 -0.71 -10.06
C LYS A 104 -22.95 0.70 -10.28
N MET B 1 16.24 -13.75 1.86
CA MET B 1 15.95 -13.96 3.25
C MET B 1 15.15 -15.20 3.43
N MET B 2 14.42 -15.30 4.54
N MET B 2 14.42 -15.30 4.55
CA MET B 2 13.56 -16.44 4.76
CA MET B 2 13.56 -16.44 4.77
C MET B 2 12.27 -16.22 4.02
C MET B 2 12.30 -16.21 3.99
N TYR B 3 11.79 -17.23 3.32
CA TYR B 3 10.54 -17.12 2.58
C TYR B 3 9.44 -18.00 3.13
N VAL B 4 8.19 -17.70 2.82
CA VAL B 4 7.06 -18.50 3.22
C VAL B 4 6.09 -18.63 2.08
N LYS B 5 5.26 -19.66 2.09
CA LYS B 5 4.34 -19.89 1.00
C LYS B 5 2.91 -19.71 1.40
N LEU B 6 2.19 -18.91 0.63
CA LEU B 6 0.78 -18.63 0.91
C LEU B 6 -0.02 -19.14 -0.27
N ILE B 7 -0.98 -20.04 -0.01
CA ILE B 7 -1.71 -20.75 -1.05
C ILE B 7 -3.17 -20.32 -1.02
N SER B 8 -3.75 -20.14 -2.20
CA SER B 8 -5.12 -19.65 -2.33
C SER B 8 -6.09 -20.83 -2.44
N SER B 9 -7.38 -20.50 -2.53
CA SER B 9 -8.40 -21.53 -2.69
C SER B 9 -8.24 -22.24 -4.03
N ASP B 10 -8.02 -21.48 -5.11
CA ASP B 10 -7.85 -22.05 -6.43
C ASP B 10 -6.47 -22.66 -6.66
N GLY B 11 -5.66 -22.77 -5.61
CA GLY B 11 -4.44 -23.53 -5.68
C GLY B 11 -3.21 -22.78 -6.15
N HIS B 12 -3.27 -21.47 -6.29
CA HIS B 12 -2.08 -20.71 -6.64
C HIS B 12 -1.17 -20.59 -5.42
N GLU B 13 0.13 -20.73 -5.65
CA GLU B 13 1.14 -20.67 -4.60
C GLU B 13 1.92 -19.37 -4.74
N PHE B 14 2.04 -18.63 -3.63
CA PHE B 14 2.72 -17.34 -3.60
C PHE B 14 3.86 -17.43 -2.60
N ILE B 15 5.07 -17.16 -3.03
CA ILE B 15 6.21 -17.22 -2.14
C ILE B 15 6.57 -15.83 -1.75
N VAL B 16 6.49 -15.54 -0.47
CA VAL B 16 6.74 -14.21 0.00
C VAL B 16 7.69 -14.22 1.15
N LYS B 17 8.45 -13.17 1.30
CA LYS B 17 9.41 -13.13 2.36
C LYS B 17 8.67 -13.19 3.65
N ARG B 18 9.25 -13.84 4.63
CA ARG B 18 8.52 -14.04 5.83
C ARG B 18 8.17 -12.74 6.45
N GLU B 19 9.09 -11.81 6.43
CA GLU B 19 8.85 -10.55 7.11
C GLU B 19 7.75 -9.82 6.42
N HIS B 20 7.60 -9.99 5.12
CA HIS B 20 6.47 -9.40 4.41
C HIS B 20 5.16 -10.04 4.88
N ALA B 21 5.14 -11.37 5.00
CA ALA B 21 3.92 -12.05 5.43
C ALA B 21 3.58 -11.73 6.88
N LEU B 22 4.59 -11.58 7.73
CA LEU B 22 4.35 -11.26 9.12
C LEU B 22 3.67 -9.91 9.31
N THR B 23 3.48 -9.16 8.22
CA THR B 23 2.63 -7.97 8.27
C THR B 23 1.24 -8.29 8.81
N SER B 24 0.79 -9.53 8.65
CA SER B 24 -0.52 -9.97 9.12
C SER B 24 -0.35 -10.78 10.40
N GLY B 25 -1.00 -10.35 11.48
CA GLY B 25 -0.97 -11.12 12.71
C GLY B 25 -1.58 -12.49 12.53
N THR B 26 -2.62 -12.59 11.69
CA THR B 26 -3.24 -13.88 11.43
C THR B 26 -2.28 -14.84 10.75
N ILE B 27 -1.50 -14.34 9.78
CA ILE B 27 -0.52 -15.21 9.13
C ILE B 27 0.60 -15.57 10.09
N LYS B 28 0.92 -14.69 11.01
CA LYS B 28 1.97 -14.96 11.94
C LYS B 28 1.58 -16.13 12.75
N ALA B 29 0.39 -16.10 13.29
CA ALA B 29 -0.07 -17.16 14.16
C ALA B 29 -0.15 -18.46 13.43
N MET B 30 -0.61 -18.42 12.20
CA MET B 30 -0.77 -19.64 11.47
C MET B 30 0.60 -20.22 11.31
N LEU B 31 1.58 -19.37 11.10
CA LEU B 31 2.93 -19.84 10.93
C LEU B 31 3.44 -20.52 12.19
N SER B 32 3.14 -19.98 13.37
CA SER B 32 3.54 -20.61 14.64
C SER B 32 2.39 -20.96 15.58
N GLY B 33 2.31 -22.20 16.04
CA GLY B 33 1.27 -22.58 16.99
C GLY B 33 1.22 -21.65 18.18
N GLU B 41 7.69 -24.93 11.20
CA GLU B 41 7.58 -26.26 10.60
C GLU B 41 7.36 -26.04 9.15
N THR B 42 6.19 -26.39 8.66
CA THR B 42 5.93 -26.07 7.29
C THR B 42 5.94 -24.57 7.34
N ASN B 43 6.43 -23.95 6.31
CA ASN B 43 6.39 -22.53 6.22
C ASN B 43 5.25 -22.20 5.29
N GLU B 44 4.38 -23.17 5.05
CA GLU B 44 3.23 -22.97 4.19
C GLU B 44 1.91 -22.71 4.89
N VAL B 45 1.07 -21.86 4.32
CA VAL B 45 -0.26 -21.58 4.86
C VAL B 45 -1.26 -21.74 3.73
N ASN B 46 -2.43 -22.31 4.05
CA ASN B 46 -3.48 -22.56 3.08
C ASN B 46 -4.70 -21.72 3.44
N PHE B 47 -5.15 -20.90 2.51
CA PHE B 47 -6.33 -20.05 2.69
C PHE B 47 -7.46 -20.65 1.85
N ARG B 48 -8.40 -21.31 2.53
CA ARG B 48 -9.48 -21.99 1.83
C ARG B 48 -10.48 -21.02 1.23
N GLU B 49 -10.61 -19.82 1.80
CA GLU B 49 -11.63 -18.86 1.38
C GLU B 49 -11.08 -17.67 0.61
N ILE B 50 -9.78 -17.59 0.36
CA ILE B 50 -9.20 -16.45 -0.33
C ILE B 50 -8.79 -16.90 -1.72
N PRO B 51 -9.43 -16.40 -2.78
CA PRO B 51 -9.01 -16.77 -4.14
C PRO B 51 -7.76 -16.01 -4.57
N SER B 52 -7.14 -16.51 -5.64
CA SER B 52 -5.85 -15.99 -6.07
C SER B 52 -5.93 -14.50 -6.40
N HIS B 53 -7.00 -14.06 -7.07
CA HIS B 53 -7.09 -12.66 -7.45
C HIS B 53 -7.20 -11.73 -6.24
N VAL B 54 -7.48 -12.27 -5.06
CA VAL B 54 -7.39 -11.51 -3.83
C VAL B 54 -6.01 -11.66 -3.19
N LEU B 55 -5.57 -12.91 -2.99
CA LEU B 55 -4.32 -13.16 -2.29
C LEU B 55 -3.15 -12.55 -3.05
N SER B 56 -3.19 -12.60 -4.38
CA SER B 56 -2.18 -11.89 -5.17
C SER B 56 -2.10 -10.42 -4.73
N LYS B 57 -3.25 -9.76 -4.64
CA LYS B 57 -3.27 -8.36 -4.24
C LYS B 57 -2.80 -8.18 -2.80
N VAL B 58 -3.05 -9.17 -1.94
CA VAL B 58 -2.57 -9.08 -0.55
C VAL B 58 -1.05 -9.08 -0.51
N CYS B 59 -0.42 -9.95 -1.31
CA CYS B 59 1.04 -9.98 -1.35
C CYS B 59 1.60 -8.66 -1.86
N MET B 60 0.95 -8.06 -2.86
CA MET B 60 1.38 -6.75 -3.32
C MET B 60 1.33 -5.73 -2.19
N TYR B 61 0.27 -5.77 -1.36
CA TYR B 61 0.22 -4.86 -0.22
C TYR B 61 1.41 -5.08 0.69
N PHE B 62 1.76 -6.34 0.96
CA PHE B 62 2.91 -6.62 1.80
C PHE B 62 4.15 -5.93 1.26
N THR B 63 4.38 -6.02 -0.06
CA THR B 63 5.52 -5.34 -0.66
C THR B 63 5.43 -3.83 -0.47
N TYR B 64 4.23 -3.28 -0.65
CA TYR B 64 4.04 -1.83 -0.61
C TYR B 64 4.25 -1.29 0.80
N LYS B 65 3.66 -1.94 1.81
CA LYS B 65 3.81 -1.46 3.18
C LYS B 65 5.27 -1.45 3.60
N VAL B 66 6.00 -2.53 3.31
CA VAL B 66 7.38 -2.65 3.77
C VAL B 66 8.24 -1.54 3.19
N ARG B 67 8.21 -1.40 1.86
CA ARG B 67 9.03 -0.40 1.20
C ARG B 67 8.70 1.01 1.71
N TYR B 68 7.43 1.39 1.67
CA TYR B 68 7.03 2.76 1.93
C TYR B 68 6.72 3.05 3.40
N THR B 69 6.81 2.06 4.28
CA THR B 69 6.71 2.33 5.71
C THR B 69 8.04 2.94 6.19
N ASN B 70 7.95 4.01 6.97
CA ASN B 70 9.13 4.69 7.48
C ASN B 70 10.05 5.14 6.34
N SER B 71 9.44 5.78 5.34
CA SER B 71 10.18 6.33 4.22
C SER B 71 9.62 7.70 3.88
N SER B 72 10.52 8.65 3.60
CA SER B 72 10.13 10.01 3.26
C SER B 72 9.88 10.20 1.77
N THR B 73 10.03 9.14 0.97
CA THR B 73 9.60 9.20 -0.42
C THR B 73 8.11 9.49 -0.49
N GLU B 74 7.71 10.18 -1.55
CA GLU B 74 6.29 10.38 -1.79
C GLU B 74 5.62 9.02 -1.95
N ILE B 75 4.55 8.79 -1.17
CA ILE B 75 3.90 7.49 -1.11
C ILE B 75 2.87 7.42 -2.23
N PRO B 76 2.96 6.44 -3.13
CA PRO B 76 1.90 6.26 -4.14
C PRO B 76 0.64 5.71 -3.50
N GLU B 77 -0.46 5.84 -4.23
CA GLU B 77 -1.74 5.31 -3.78
C GLU B 77 -1.81 3.81 -4.06
N PHE B 78 -2.24 3.03 -3.10
CA PHE B 78 -2.38 1.62 -3.33
C PHE B 78 -3.58 1.37 -4.21
N PRO B 79 -3.36 0.75 -5.35
CA PRO B 79 -4.46 0.60 -6.27
C PRO B 79 -5.38 -0.57 -5.98
N ILE B 80 -6.67 -0.33 -5.76
CA ILE B 80 -7.63 -1.39 -5.55
C ILE B 80 -8.79 -1.21 -6.50
N ALA B 81 -8.94 -2.14 -7.41
CA ALA B 81 -10.02 -2.08 -8.35
C ALA B 81 -11.33 -2.39 -7.74
N PRO B 82 -12.38 -1.93 -8.38
CA PRO B 82 -13.68 -2.10 -7.78
C PRO B 82 -14.16 -3.53 -7.74
N GLU B 83 -13.84 -4.28 -8.77
CA GLU B 83 -14.31 -5.64 -8.84
C GLU B 83 -13.74 -6.60 -7.81
N ILE B 84 -12.65 -6.24 -7.16
CA ILE B 84 -12.03 -7.06 -6.13
C ILE B 84 -12.16 -6.44 -4.74
N ALA B 85 -12.68 -5.22 -4.63
CA ALA B 85 -12.60 -4.48 -3.38
C ALA B 85 -13.29 -5.21 -2.24
N LEU B 86 -14.51 -5.70 -2.47
CA LEU B 86 -15.27 -6.32 -1.39
C LEU B 86 -14.61 -7.59 -0.90
N GLU B 87 -14.10 -8.42 -1.82
CA GLU B 87 -13.37 -9.62 -1.41
C GLU B 87 -12.08 -9.25 -0.68
N LEU B 88 -11.37 -8.22 -1.16
CA LEU B 88 -10.12 -7.83 -0.52
C LEU B 88 -10.39 -7.33 0.90
N LEU B 89 -11.43 -6.51 1.09
CA LEU B 89 -11.81 -6.07 2.42
C LEU B 89 -12.02 -7.27 3.34
N MET B 90 -12.79 -8.26 2.86
CA MET B 90 -13.04 -9.45 3.67
C MET B 90 -11.74 -10.12 4.06
N ALA B 91 -10.85 -10.35 3.09
CA ALA B 91 -9.56 -10.93 3.39
C ALA B 91 -8.78 -10.08 4.38
N ALA B 92 -8.83 -8.75 4.22
CA ALA B 92 -8.11 -7.86 5.12
C ALA B 92 -8.58 -8.03 6.56
N ASN B 93 -9.90 -7.94 6.78
CA ASN B 93 -10.42 -8.09 8.13
C ASN B 93 -9.96 -9.39 8.76
N PHE B 94 -9.89 -10.46 7.97
CA PHE B 94 -9.46 -11.75 8.49
C PHE B 94 -7.96 -11.76 8.79
N LEU B 95 -7.16 -11.17 7.90
CA LEU B 95 -5.72 -11.15 8.07
C LEU B 95 -5.23 -10.08 9.03
N ASP B 96 -6.07 -9.11 9.39
CA ASP B 96 -5.69 -8.05 10.33
C ASP B 96 -4.48 -7.28 9.82
N CYS B 97 -4.39 -7.10 8.50
CA CYS B 97 -3.34 -6.29 7.91
C CYS B 97 -3.92 -5.02 7.33
N PRO C 10 -8.62 23.07 25.85
CA PRO C 10 -8.15 21.85 25.17
C PRO C 10 -6.65 21.88 24.89
N VAL C 11 -5.97 20.77 25.17
CA VAL C 11 -4.53 20.71 24.93
C VAL C 11 -4.22 20.92 23.45
N LEU C 12 -5.04 20.36 22.57
CA LEU C 12 -4.89 20.54 21.13
C LEU C 12 -5.66 21.79 20.71
N ARG C 13 -5.01 22.93 20.89
CA ARG C 13 -5.61 24.19 20.49
C ARG C 13 -4.54 25.13 20.04
N SER C 14 -4.86 26.03 19.13
CA SER C 14 -3.90 26.99 18.68
C SER C 14 -3.75 28.04 19.75
N VAL C 15 -2.66 28.77 19.70
CA VAL C 15 -2.40 29.80 20.68
C VAL C 15 -2.26 31.11 19.96
N ASN C 16 -2.71 32.19 20.58
CA ASN C 16 -2.70 33.46 19.90
C ASN C 16 -1.36 34.11 20.00
N SER C 17 -0.41 33.63 19.24
CA SER C 17 0.89 34.24 19.22
C SER C 17 0.85 35.63 18.65
N ARG C 18 0.06 35.83 17.62
CA ARG C 18 0.03 37.12 16.96
C ARG C 18 1.37 37.32 16.31
N GLU C 19 2.16 36.27 16.24
CA GLU C 19 3.47 36.32 15.63
C GLU C 19 3.38 35.73 14.24
N PRO C 20 3.45 36.54 13.21
CA PRO C 20 3.20 35.94 11.89
C PRO C 20 4.21 34.91 11.39
N SER C 21 3.74 33.89 10.68
CA SER C 21 4.64 32.92 10.07
C SER C 21 4.15 32.62 8.69
N GLN C 22 5.05 32.31 7.81
CA GLN C 22 4.69 32.09 6.42
C GLN C 22 4.98 30.67 6.08
N VAL C 23 4.01 29.98 5.52
CA VAL C 23 4.18 28.58 5.25
C VAL C 23 3.81 28.27 3.85
N ILE C 24 4.41 27.24 3.30
CA ILE C 24 4.02 26.80 1.99
C ILE C 24 3.40 25.44 2.19
N PHE C 25 2.16 25.29 1.78
CA PHE C 25 1.50 24.04 1.91
C PHE C 25 1.70 23.41 0.58
N CYS C 26 2.35 22.26 0.56
CA CYS C 26 2.60 21.54 -0.68
C CYS C 26 1.89 20.21 -0.61
N ASN C 27 1.10 19.90 -1.62
CA ASN C 27 0.36 18.68 -1.65
C ASN C 27 1.12 17.72 -2.44
N ARG C 28 1.57 16.68 -1.79
CA ARG C 28 2.38 15.68 -2.41
C ARG C 28 1.59 14.42 -2.39
N SER C 29 0.28 14.56 -2.35
CA SER C 29 -0.63 13.44 -2.39
C SER C 29 -1.38 13.41 -3.72
N PRO C 30 -1.99 12.28 -4.08
CA PRO C 30 -2.90 12.26 -5.22
C PRO C 30 -4.28 12.78 -4.87
N ARG C 31 -4.49 13.16 -3.61
CA ARG C 31 -5.80 13.51 -3.08
C ARG C 31 -6.00 15.01 -3.06
N VAL C 32 -7.27 15.42 -3.10
CA VAL C 32 -7.63 16.82 -2.88
C VAL C 32 -7.58 17.08 -1.37
N VAL C 33 -6.72 18.00 -0.95
CA VAL C 33 -6.48 18.24 0.46
C VAL C 33 -7.38 19.37 0.95
N LEU C 34 -7.95 19.17 2.13
CA LEU C 34 -8.66 20.22 2.85
C LEU C 34 -7.82 20.62 4.04
N PRO C 35 -7.24 21.82 4.08
CA PRO C 35 -6.49 22.25 5.27
C PRO C 35 -7.46 22.57 6.41
N VAL C 36 -7.14 22.07 7.60
CA VAL C 36 -7.98 22.23 8.77
C VAL C 36 -7.20 22.96 9.84
N TRP C 37 -7.75 24.06 10.33
CA TRP C 37 -7.12 24.88 11.35
C TRP C 37 -7.92 24.77 12.64
N LEU C 38 -7.23 24.49 13.74
CA LEU C 38 -7.85 24.42 15.06
C LEU C 38 -7.82 25.80 15.70
N ASN C 39 -8.99 26.35 15.98
CA ASN C 39 -9.03 27.68 16.56
C ASN C 39 -8.58 27.63 18.02
N PHE C 40 -8.46 28.82 18.64
CA PHE C 40 -7.92 28.90 19.99
C PHE C 40 -8.81 28.19 21.00
N ASP C 41 -10.10 28.01 20.69
CA ASP C 41 -10.98 27.20 21.50
C ASP C 41 -11.00 25.73 21.05
N GLY C 42 -10.07 25.33 20.18
CA GLY C 42 -9.90 23.95 19.81
C GLY C 42 -10.79 23.45 18.70
N GLU C 43 -11.66 24.29 18.14
CA GLU C 43 -12.63 23.82 17.17
C GLU C 43 -11.99 23.70 15.79
N PRO C 44 -12.21 22.58 15.08
CA PRO C 44 -11.71 22.49 13.70
C PRO C 44 -12.39 23.50 12.80
N GLN C 45 -11.60 24.12 11.92
CA GLN C 45 -12.10 25.14 11.00
C GLN C 45 -11.62 24.81 9.59
N PRO C 46 -12.51 24.81 8.60
CA PRO C 46 -12.08 24.49 7.23
C PRO C 46 -11.38 25.67 6.57
N TYR C 47 -10.54 25.33 5.58
CA TYR C 47 -9.82 26.34 4.80
C TYR C 47 -9.81 25.95 3.33
N PRO C 48 -9.33 26.82 2.44
CA PRO C 48 -9.42 26.53 1.00
C PRO C 48 -8.71 25.24 0.62
N THR C 49 -9.29 24.50 -0.32
CA THR C 49 -8.76 23.21 -0.72
C THR C 49 -7.59 23.37 -1.69
N LEU C 50 -6.68 22.40 -1.65
CA LEU C 50 -5.54 22.35 -2.55
C LEU C 50 -5.65 21.13 -3.46
N PRO C 51 -5.79 21.29 -4.77
CA PRO C 51 -5.89 20.12 -5.64
C PRO C 51 -4.57 19.36 -5.66
N PRO C 52 -4.57 18.13 -6.19
CA PRO C 52 -3.31 17.37 -6.25
C PRO C 52 -2.27 18.07 -7.11
N GLY C 53 -1.02 17.97 -6.68
CA GLY C 53 0.08 18.56 -7.42
C GLY C 53 0.20 20.06 -7.32
N THR C 54 -0.34 20.65 -6.26
CA THR C 54 -0.37 22.11 -6.11
C THR C 54 0.22 22.50 -4.77
N GLY C 55 0.67 23.75 -4.69
CA GLY C 55 1.18 24.31 -3.45
C GLY C 55 0.93 25.80 -3.39
N ARG C 56 0.81 26.32 -2.17
CA ARG C 56 0.42 27.70 -1.97
C ARG C 56 1.17 28.29 -0.78
N ARG C 57 1.55 29.56 -0.92
CA ARG C 57 2.20 30.31 0.15
C ARG C 57 1.13 31.05 0.94
N ILE C 58 1.03 30.70 2.20
CA ILE C 58 -0.03 31.24 3.01
C ILE C 58 0.43 31.82 4.30
N HIS C 59 -0.45 32.57 4.93
CA HIS C 59 -0.10 33.24 6.16
C HIS C 59 -0.74 32.64 7.36
N SER C 60 0.02 32.41 8.39
CA SER C 60 -0.47 31.81 9.59
C SER C 60 0.40 32.42 10.65
N TYR C 61 0.23 31.99 11.89
CA TYR C 61 0.98 32.51 12.98
C TYR C 61 1.53 31.37 13.80
N ARG C 62 2.59 31.64 14.55
CA ARG C 62 3.24 30.62 15.34
C ARG C 62 2.36 30.05 16.40
N GLY C 63 2.54 28.77 16.66
CA GLY C 63 1.74 28.08 17.66
C GLY C 63 0.37 27.66 17.19
N HIS C 64 -0.04 28.03 15.98
CA HIS C 64 -1.31 27.59 15.44
C HIS C 64 -1.20 26.16 14.94
N LEU C 65 -2.25 25.37 15.16
CA LEU C 65 -2.22 23.95 14.87
C LEU C 65 -2.99 23.64 13.60
N TRP C 66 -2.37 22.87 12.71
CA TRP C 66 -2.99 22.47 11.45
C TRP C 66 -3.01 20.95 11.33
N LEU C 67 -4.06 20.44 10.71
CA LEU C 67 -4.13 19.06 10.26
C LEU C 67 -4.69 19.06 8.83
N PHE C 68 -4.42 18.00 8.10
CA PHE C 68 -4.71 17.97 6.66
C PHE C 68 -5.44 16.69 6.30
N ARG C 69 -6.46 16.83 5.45
CA ARG C 69 -7.40 15.75 5.19
C ARG C 69 -7.80 15.73 3.72
N ASP C 70 -8.31 14.58 3.28
CA ASP C 70 -8.96 14.49 1.99
C ASP C 70 -10.26 15.30 2.02
N ALA C 71 -10.47 16.14 1.00
CA ALA C 71 -11.58 17.08 1.04
C ALA C 71 -12.92 16.38 0.93
N GLY C 72 -12.98 15.31 0.12
CA GLY C 72 -14.25 14.62 -0.09
C GLY C 72 -14.53 13.54 0.93
N THR C 73 -13.53 12.72 1.23
CA THR C 73 -13.73 11.55 2.08
C THR C 73 -13.35 11.77 3.54
N HIS C 74 -12.61 12.83 3.85
CA HIS C 74 -12.11 13.14 5.18
C HIS C 74 -11.07 12.12 5.67
N ASP C 75 -10.54 11.29 4.77
CA ASP C 75 -9.44 10.42 5.14
C ASP C 75 -8.29 11.22 5.73
N GLY C 76 -7.56 10.61 6.65
CA GLY C 76 -6.44 11.27 7.29
C GLY C 76 -5.22 11.32 6.40
N LEU C 77 -4.52 12.46 6.45
CA LEU C 77 -3.30 12.67 5.69
C LEU C 77 -2.22 13.14 6.65
N LEU C 78 -0.96 13.01 6.23
CA LEU C 78 0.18 13.37 7.07
C LEU C 78 0.83 14.64 6.54
N VAL C 79 1.27 15.49 7.46
CA VAL C 79 1.97 16.73 7.13
C VAL C 79 3.37 16.60 7.70
N ASN C 80 4.38 16.55 6.83
CA ASN C 80 5.76 16.34 7.24
C ASN C 80 5.90 15.07 8.07
N GLN C 81 5.22 14.02 7.63
CA GLN C 81 5.32 12.68 8.20
C GLN C 81 4.78 12.58 9.61
N THR C 82 3.99 13.56 10.05
CA THR C 82 3.24 13.49 11.29
C THR C 82 1.81 13.94 11.00
N GLU C 83 0.96 13.90 12.02
CA GLU C 83 -0.44 14.24 11.83
C GLU C 83 -0.74 15.72 12.04
N LEU C 84 0.07 16.41 12.83
CA LEU C 84 -0.18 17.80 13.17
C LEU C 84 0.99 18.68 12.72
N PHE C 85 0.66 19.87 12.24
CA PHE C 85 1.65 20.85 11.81
C PHE C 85 1.50 22.12 12.62
N VAL C 86 2.58 22.57 13.24
CA VAL C 86 2.59 23.81 13.99
C VAL C 86 3.66 24.72 13.38
N PRO C 87 3.27 25.87 12.79
CA PRO C 87 4.27 26.70 12.10
C PRO C 87 5.34 27.19 13.06
N SER C 88 6.60 27.03 12.66
CA SER C 88 7.73 27.49 13.43
C SER C 88 8.05 28.94 13.07
N LEU C 89 9.07 29.50 13.73
CA LEU C 89 9.54 30.84 13.40
C LEU C 89 10.33 30.80 12.10
N ASN C 90 9.92 31.61 11.12
CA ASN C 90 10.66 31.69 9.87
C ASN C 90 12.10 32.11 10.13
N VAL C 91 13.01 31.59 9.31
CA VAL C 91 14.43 31.84 9.47
C VAL C 91 15.01 32.23 8.12
N ASP C 92 15.57 33.44 8.03
CA ASP C 92 16.27 33.90 6.84
C ASP C 92 15.30 34.25 5.71
N GLY C 93 14.06 34.60 6.04
CA GLY C 93 13.06 34.85 5.03
C GLY C 93 12.52 33.61 4.37
N GLN C 94 12.83 32.44 4.91
CA GLN C 94 12.39 31.20 4.29
C GLN C 94 11.06 30.75 4.80
N PRO C 95 10.15 30.42 3.89
CA PRO C 95 8.85 29.92 4.30
C PRO C 95 9.01 28.55 4.90
N ILE C 96 8.13 28.17 5.81
CA ILE C 96 8.17 26.85 6.36
C ILE C 96 7.37 25.96 5.46
N PHE C 97 7.91 24.81 5.12
CA PHE C 97 7.23 23.93 4.20
C PHE C 97 6.43 22.86 4.90
N ALA C 98 5.15 22.73 4.55
CA ALA C 98 4.30 21.70 5.10
C ALA C 98 3.90 20.78 4.00
N ASN C 99 4.48 19.60 3.95
CA ASN C 99 4.25 18.68 2.86
C ASN C 99 3.21 17.65 3.18
N ILE C 100 2.15 17.61 2.40
CA ILE C 100 1.09 16.68 2.67
C ILE C 100 1.32 15.45 1.86
N THR C 101 1.38 14.34 2.55
CA THR C 101 1.67 13.06 1.91
C THR C 101 0.57 12.05 2.26
N LEU C 102 0.34 11.12 1.35
CA LEU C 102 -0.52 9.99 1.68
C LEU C 102 0.13 9.17 2.80
N PRO C 103 -0.63 8.74 3.80
CA PRO C 103 -0.10 7.75 4.75
C PRO C 103 -0.05 6.37 4.11
N VAL C 104 0.64 5.46 4.78
CA VAL C 104 0.57 4.04 4.44
C VAL C 104 -0.60 3.48 5.24
N TYR C 105 -1.77 3.44 4.60
CA TYR C 105 -2.95 2.92 5.26
C TYR C 105 -2.83 1.42 5.47
N THR C 106 -3.59 0.91 6.44
CA THR C 106 -3.79 -0.52 6.54
C THR C 106 -4.61 -1.00 5.35
N LEU C 107 -4.40 -2.24 4.93
CA LEU C 107 -5.17 -2.76 3.81
C LEU C 107 -6.66 -2.64 4.07
N LYS C 108 -7.09 -2.95 5.30
CA LYS C 108 -8.52 -2.86 5.62
C LYS C 108 -9.03 -1.45 5.44
N GLU C 109 -8.34 -0.46 6.01
CA GLU C 109 -8.79 0.92 5.88
C GLU C 109 -8.86 1.34 4.42
N ARG C 110 -7.84 1.00 3.63
CA ARG C 110 -7.86 1.33 2.22
C ARG C 110 -9.02 0.64 1.51
N CYS C 111 -9.24 -0.64 1.79
CA CYS C 111 -10.38 -1.33 1.20
C CYS C 111 -11.68 -0.64 1.55
N LEU C 112 -11.83 -0.23 2.82
CA LEU C 112 -13.02 0.52 3.21
C LEU C 112 -13.16 1.81 2.40
N GLN C 113 -12.04 2.52 2.18
CA GLN C 113 -12.10 3.76 1.42
C GLN C 113 -12.69 3.53 0.03
N VAL C 114 -12.27 2.46 -0.64
CA VAL C 114 -12.73 2.21 -2.01
C VAL C 114 -14.20 1.81 -2.00
N VAL C 115 -14.60 0.96 -1.05
CA VAL C 115 -15.99 0.52 -1.00
C VAL C 115 -16.91 1.69 -0.68
N ARG C 116 -16.57 2.46 0.36
CA ARG C 116 -17.34 3.67 0.66
C ARG C 116 -17.45 4.54 -0.58
N SER C 117 -16.37 4.64 -1.37
CA SER C 117 -16.40 5.48 -2.56
C SER C 117 -17.41 4.98 -3.58
N LEU C 118 -17.68 3.67 -3.59
CA LEU C 118 -18.53 3.08 -4.61
C LEU C 118 -19.92 2.72 -4.12
N VAL C 119 -20.12 2.60 -2.81
CA VAL C 119 -21.40 2.20 -2.24
C VAL C 119 -21.95 3.35 -1.42
N LYS C 120 -23.22 3.69 -1.66
CA LYS C 120 -23.86 4.75 -0.89
C LYS C 120 -24.05 4.28 0.55
N PRO C 121 -23.98 5.19 1.52
CA PRO C 121 -24.03 4.76 2.93
C PRO C 121 -25.27 3.96 3.28
N GLU C 122 -26.40 4.27 2.67
CA GLU C 122 -27.63 3.52 2.94
C GLU C 122 -27.47 2.05 2.57
N ASN C 123 -26.78 1.76 1.47
CA ASN C 123 -26.69 0.40 0.95
C ASN C 123 -25.57 -0.43 1.60
N TYR C 124 -24.88 0.11 2.60
CA TYR C 124 -23.81 -0.67 3.25
C TYR C 124 -24.35 -1.99 3.76
N ARG C 125 -25.58 -2.00 4.28
CA ARG C 125 -26.14 -3.21 4.86
C ARG C 125 -26.54 -4.23 3.79
N ARG C 126 -26.60 -3.82 2.55
CA ARG C 126 -26.95 -4.74 1.52
C ARG C 126 -25.76 -5.59 1.07
N LEU C 127 -24.57 -5.21 1.45
CA LEU C 127 -23.40 -5.95 1.03
C LEU C 127 -23.31 -7.26 1.74
N ASP C 128 -22.83 -8.30 1.05
CA ASP C 128 -22.78 -9.61 1.65
C ASP C 128 -21.53 -9.75 2.43
N ILE C 129 -21.48 -9.06 3.54
CA ILE C 129 -20.30 -9.05 4.34
C ILE C 129 -20.69 -9.20 5.79
N VAL C 130 -19.76 -9.58 6.63
CA VAL C 130 -20.03 -9.75 8.02
C VAL C 130 -20.43 -8.44 8.65
N ARG C 131 -21.22 -8.50 9.70
CA ARG C 131 -21.75 -7.30 10.34
C ARG C 131 -20.73 -6.38 10.90
N SER C 132 -19.70 -6.92 11.49
CA SER C 132 -18.65 -6.12 12.02
C SER C 132 -18.14 -5.16 10.96
N LEU C 133 -18.18 -5.56 9.70
CA LEU C 133 -17.63 -4.70 8.65
C LEU C 133 -18.59 -3.58 8.27
N TYR C 134 -19.91 -3.80 8.33
CA TYR C 134 -20.85 -2.69 8.17
C TYR C 134 -20.46 -1.55 9.09
N GLU C 135 -20.41 -1.83 10.40
CA GLU C 135 -20.07 -0.83 11.39
C GLU C 135 -18.75 -0.14 11.05
N ASP C 136 -17.87 -0.84 10.39
CA ASP C 136 -16.60 -0.27 10.02
C ASP C 136 -16.76 0.69 8.88
N LEU C 137 -17.54 0.32 7.90
CA LEU C 137 -17.78 1.19 6.80
C LEU C 137 -18.47 2.43 7.29
N GLU C 138 -19.38 2.28 8.24
CA GLU C 138 -20.11 3.39 8.83
C GLU C 138 -19.23 4.36 9.59
N ASP C 139 -18.19 3.86 10.24
CA ASP C 139 -17.36 4.71 11.06
C ASP C 139 -16.43 5.45 10.14
N HIS C 140 -17.00 6.42 9.45
CA HIS C 140 -16.24 7.21 8.51
C HIS C 140 -15.21 8.01 9.18
N PRO C 141 -14.10 8.23 8.51
CA PRO C 141 -13.06 8.94 9.20
C PRO C 141 -13.50 10.36 9.44
N ASN C 142 -13.14 10.94 10.57
CA ASN C 142 -13.54 12.30 10.92
C ASN C 142 -12.45 12.94 11.74
N VAL C 143 -12.54 14.25 11.89
CA VAL C 143 -11.52 14.98 12.64
C VAL C 143 -11.76 14.86 14.14
N GLN C 144 -13.02 14.89 14.57
CA GLN C 144 -13.32 14.86 16.00
C GLN C 144 -12.68 13.66 16.68
N LYS C 145 -12.74 12.48 16.04
CA LYS C 145 -12.20 11.28 16.67
C LYS C 145 -10.68 11.33 16.76
N ASP C 146 -10.02 11.80 15.70
CA ASP C 146 -8.56 11.83 15.69
C ASP C 146 -8.01 12.83 16.70
N LEU C 147 -8.76 13.88 17.01
CA LEU C 147 -8.28 14.86 17.98
C LEU C 147 -8.19 14.24 19.38
N GLU C 148 -9.17 13.41 19.75
CA GLU C 148 -9.15 12.79 21.07
C GLU C 148 -7.99 11.82 21.19
N ARG C 149 -7.74 11.02 20.14
CA ARG C 149 -6.60 10.12 20.17
C ARG C 149 -5.30 10.88 20.38
N LEU C 150 -5.06 11.92 19.57
CA LEU C 150 -3.81 12.67 19.68
C LEU C 150 -3.64 13.26 21.08
N THR C 151 -4.73 13.74 21.68
CA THR C 151 -4.64 14.26 23.04
C THR C 151 -4.17 13.18 24.01
N GLN C 152 -4.79 12.00 23.93
CA GLN C 152 -4.41 10.91 24.84
C GLN C 152 -2.97 10.46 24.60
N GLU C 153 -2.54 10.40 23.33
CA GLU C 153 -1.15 10.08 23.04
C GLU C 153 -0.21 11.09 23.69
N ARG C 154 -0.55 12.38 23.59
CA ARG C 154 0.25 13.40 24.27
C ARG C 154 0.26 13.18 25.77
N ILE C 155 -0.92 12.91 26.35
CA ILE C 155 -0.99 12.61 27.78
C ILE C 155 -0.02 11.48 28.12
N ALA C 156 0.05 10.47 27.27
CA ALA C 156 1.00 9.38 27.46
C ALA C 156 2.42 9.91 27.50
#